data_6PS3
#
_entry.id   6PS3
#
_cell.length_a   42.550
_cell.length_b   77.440
_cell.length_c   173.850
_cell.angle_alpha   90.000
_cell.angle_beta   90.000
_cell.angle_gamma   90.000
#
_symmetry.space_group_name_H-M   'P 21 21 21'
#
loop_
_entity.id
_entity.type
_entity.pdbx_description
1 polymer 'Fusion protein of Beta-2 adrenergic receptor and T4 Lysozyme'
2 non-polymer (2S)-1-(8H-CARBAZOL-4-YLOXY)-3-[2-(2-METHOXYPHENOXY)ETHYLAMINO]PROPAN-2-OL
3 non-polymer 'SULFATE ION'
4 non-polymer CHOLESTEROL
5 non-polymer '(2R)-2,3-dihydroxypropyl (9Z)-octadec-9-enoate'
6 non-polymer 'OLEIC ACID'
7 water water
#
_entity_poly.entity_id   1
_entity_poly.type   'polypeptide(L)'
_entity_poly.pdbx_seq_one_letter_code
;MKTIIALSYIFCLVFADYKDDDDAMGQPGNGSAFLLAPNRSHAPDHDVTQQRDEVWVVGMGIVMSLIVLAIVFGNVLVIT
AIAKFERLQTVTNYFITSLACADLVMGLAVVPFGAAHILMKMWTFGNFWCEFWTSIDVLCVTASIWTLCVIAVDRYFAIT
SPFKYQSLLTKNKARVIILMVWIVSGLTSFLPIQMHWYRATHQEAINCYAEETCCDFFTNQAYAIASSIVSFYVPLVIMV
FVYSRVFQEAKRQLNIFEMLRIDEGLRLKIYKDTEGYYTIGIGHLLTKSPSLNAAKSELDKAIGRNTNGVITKDEAEKLF
NQDVDAAVRGILRNAKLKPVYDSLDAVRRAALINMVFQMGETGVAGFTNSLRMLQQKRWDEAAVNLAKSRWYNQTPNRAK
RVITTFRTGTWDAYKFCLKEHKALKTLGIIMGTFTLCWLPFFIVNIVHVIQDNLIRKEVYILLNWIGYVNSGFNPLIYCR
SPDFRIAFQELLCLRRSSLKHHHHHH
;
_entity_poly.pdbx_strand_id   A
#
# COMPACT_ATOMS: atom_id res chain seq x y z
N ASP A 53 24.70 -31.60 14.63
CA ASP A 53 25.92 -31.55 13.82
C ASP A 53 26.68 -30.22 14.02
N GLU A 54 28.00 -30.22 13.75
CA GLU A 54 28.91 -29.07 13.92
C GLU A 54 28.89 -28.07 12.75
N VAL A 55 28.50 -28.49 11.52
CA VAL A 55 28.46 -27.56 10.38
C VAL A 55 27.06 -26.91 10.32
N TRP A 56 26.04 -27.58 10.88
CA TRP A 56 24.67 -27.11 10.90
C TRP A 56 24.49 -25.95 11.90
N VAL A 57 25.13 -26.04 13.10
CA VAL A 57 25.03 -25.05 14.17
C VAL A 57 25.70 -23.70 13.76
N VAL A 58 26.84 -23.75 13.05
CA VAL A 58 27.55 -22.55 12.60
C VAL A 58 26.82 -21.94 11.41
N GLY A 59 26.44 -22.78 10.44
CA GLY A 59 25.71 -22.41 9.24
C GLY A 59 24.38 -21.72 9.50
N MET A 60 23.63 -22.20 10.52
CA MET A 60 22.37 -21.60 10.92
C MET A 60 22.59 -20.45 11.88
N GLY A 61 23.73 -20.45 12.58
CA GLY A 61 24.14 -19.38 13.48
C GLY A 61 24.39 -18.08 12.73
N ILE A 62 25.11 -18.17 11.58
CA ILE A 62 25.45 -17.06 10.69
C ILE A 62 24.17 -16.46 10.06
N VAL A 63 23.23 -17.32 9.56
CA VAL A 63 22.00 -16.86 8.89
C VAL A 63 21.04 -16.21 9.91
N MET A 64 21.06 -16.66 11.18
CA MET A 64 20.23 -16.08 12.23
C MET A 64 20.78 -14.72 12.60
N SER A 65 22.11 -14.58 12.67
CA SER A 65 22.84 -13.34 12.94
C SER A 65 22.56 -12.28 11.87
N LEU A 66 22.43 -12.70 10.59
CA LEU A 66 22.15 -11.79 9.48
C LEU A 66 20.70 -11.31 9.51
N ILE A 67 19.78 -12.14 10.02
CA ILE A 67 18.35 -11.81 10.15
C ILE A 67 18.23 -10.71 11.24
N VAL A 68 18.91 -10.88 12.39
CA VAL A 68 18.91 -9.94 13.53
C VAL A 68 19.40 -8.56 13.10
N LEU A 69 20.51 -8.50 12.32
CA LEU A 69 21.11 -7.24 11.86
C LEU A 69 20.18 -6.51 10.87
N ALA A 70 19.58 -7.26 9.92
CA ALA A 70 18.68 -6.74 8.91
C ALA A 70 17.38 -6.16 9.49
N ILE A 71 16.85 -6.76 10.60
CA ILE A 71 15.62 -6.29 11.26
C ILE A 71 15.88 -4.95 11.96
N VAL A 72 16.93 -4.88 12.79
CA VAL A 72 17.32 -3.72 13.61
C VAL A 72 17.68 -2.51 12.71
N PHE A 73 18.62 -2.67 11.75
CA PHE A 73 19.07 -1.57 10.88
C PHE A 73 17.96 -1.05 10.00
N GLY A 74 17.20 -1.95 9.38
CA GLY A 74 16.11 -1.57 8.51
C GLY A 74 15.03 -0.76 9.22
N ASN A 75 14.70 -1.16 10.45
CA ASN A 75 13.64 -0.52 11.24
C ASN A 75 14.06 0.78 11.92
N VAL A 76 15.37 1.00 12.19
CA VAL A 76 15.87 2.27 12.76
C VAL A 76 15.90 3.30 11.64
N LEU A 77 16.10 2.84 10.40
CA LEU A 77 16.11 3.67 9.21
C LEU A 77 14.71 4.24 8.95
N VAL A 78 13.65 3.41 9.02
CA VAL A 78 12.25 3.81 8.85
C VAL A 78 11.89 4.90 9.90
N ILE A 79 12.10 4.61 11.20
CA ILE A 79 11.81 5.47 12.36
C ILE A 79 12.50 6.86 12.25
N THR A 80 13.81 6.91 11.90
CA THR A 80 14.56 8.18 11.79
C THR A 80 14.18 8.95 10.52
N ALA A 81 13.83 8.26 9.42
CA ALA A 81 13.40 8.93 8.18
C ALA A 81 12.14 9.75 8.43
N ILE A 82 11.15 9.17 9.14
CA ILE A 82 9.88 9.84 9.48
C ILE A 82 10.13 10.97 10.51
N ALA A 83 11.05 10.76 11.47
CA ALA A 83 11.39 11.72 12.54
C ALA A 83 12.08 12.99 12.04
N LYS A 84 12.90 12.89 10.96
CA LYS A 84 13.68 14.01 10.43
C LYS A 84 13.07 14.70 9.20
N PHE A 85 12.29 13.97 8.38
CA PHE A 85 11.73 14.53 7.17
C PHE A 85 10.26 14.90 7.32
N GLU A 86 10.00 16.22 7.26
CA GLU A 86 8.72 16.91 7.34
C GLU A 86 7.65 16.33 6.37
N ARG A 87 8.05 15.99 5.13
CA ARG A 87 7.20 15.42 4.07
C ARG A 87 6.58 14.10 4.53
N LEU A 88 7.34 13.34 5.37
CA LEU A 88 6.97 12.03 5.90
C LEU A 88 6.18 12.09 7.24
N GLN A 89 5.98 13.29 7.83
CA GLN A 89 5.24 13.41 9.09
C GLN A 89 3.72 13.50 8.85
N THR A 90 3.14 12.33 8.50
CA THR A 90 1.71 12.16 8.18
C THR A 90 1.07 11.15 9.17
N VAL A 91 -0.29 11.14 9.25
CA VAL A 91 -1.10 10.25 10.11
C VAL A 91 -0.76 8.78 9.75
N THR A 92 -0.77 8.42 8.45
CA THR A 92 -0.45 7.06 7.96
C THR A 92 0.97 6.64 8.37
N ASN A 93 1.92 7.59 8.34
CA ASN A 93 3.30 7.34 8.69
C ASN A 93 3.54 7.27 10.20
N TYR A 94 2.58 7.76 11.04
CA TYR A 94 2.64 7.65 12.51
C TYR A 94 2.26 6.21 12.89
N PHE A 95 1.34 5.62 12.11
CA PHE A 95 0.89 4.25 12.27
C PHE A 95 1.99 3.30 11.82
N ILE A 96 2.69 3.66 10.74
CA ILE A 96 3.83 2.91 10.19
C ILE A 96 5.01 2.90 11.22
N THR A 97 5.15 3.96 12.07
CA THR A 97 6.19 3.99 13.10
C THR A 97 5.80 3.08 14.23
N SER A 98 4.50 2.95 14.51
CA SER A 98 3.97 2.02 15.54
C SER A 98 4.35 0.58 15.16
N LEU A 99 4.16 0.24 13.88
CA LEU A 99 4.51 -1.03 13.25
C LEU A 99 6.04 -1.31 13.28
N ALA A 100 6.90 -0.27 13.04
CA ALA A 100 8.37 -0.33 13.01
C ALA A 100 8.99 -0.42 14.41
N CYS A 101 8.29 0.10 15.45
CA CYS A 101 8.71 -0.03 16.86
C CYS A 101 8.58 -1.50 17.30
N ALA A 102 7.43 -2.17 16.96
CA ALA A 102 7.15 -3.58 17.27
C ALA A 102 8.19 -4.50 16.62
N ASP A 103 8.59 -4.16 15.38
CA ASP A 103 9.60 -4.88 14.62
C ASP A 103 11.03 -4.67 15.18
N LEU A 104 11.30 -3.50 15.78
CA LEU A 104 12.58 -3.18 16.41
C LEU A 104 12.71 -3.89 17.79
N VAL A 105 11.59 -4.00 18.56
CA VAL A 105 11.51 -4.67 19.87
C VAL A 105 11.65 -6.20 19.62
N MET A 106 11.08 -6.67 18.50
CA MET A 106 11.16 -8.05 18.03
C MET A 106 12.60 -8.40 17.68
N GLY A 107 13.31 -7.48 17.00
CA GLY A 107 14.69 -7.65 16.59
C GLY A 107 15.72 -7.64 17.70
N LEU A 108 15.56 -6.75 18.71
CA LEU A 108 16.51 -6.62 19.82
C LEU A 108 16.21 -7.54 21.00
N ALA A 109 14.95 -7.58 21.46
CA ALA A 109 14.55 -8.33 22.66
C ALA A 109 13.88 -9.70 22.37
N VAL A 110 13.45 -10.00 21.14
CA VAL A 110 12.77 -11.29 20.95
C VAL A 110 13.62 -12.30 20.12
N VAL A 111 13.96 -11.96 18.85
CA VAL A 111 14.71 -12.81 17.92
C VAL A 111 16.08 -13.26 18.51
N PRO A 112 16.93 -12.41 19.16
CA PRO A 112 18.21 -12.93 19.67
C PRO A 112 18.10 -14.03 20.71
N PHE A 113 17.07 -14.02 21.61
CA PHE A 113 16.92 -15.05 22.64
C PHE A 113 16.31 -16.36 22.09
N GLY A 114 15.58 -16.27 20.97
CA GLY A 114 15.03 -17.42 20.27
C GLY A 114 16.13 -18.14 19.52
N ALA A 115 17.08 -17.36 18.97
CA ALA A 115 18.27 -17.80 18.22
C ALA A 115 19.21 -18.59 19.13
N ALA A 116 19.48 -18.08 20.36
CA ALA A 116 20.31 -18.73 21.38
C ALA A 116 19.71 -20.07 21.83
N HIS A 117 18.36 -20.12 22.01
CA HIS A 117 17.59 -21.29 22.46
C HIS A 117 17.76 -22.49 21.49
N ILE A 118 17.71 -22.25 20.17
CA ILE A 118 17.83 -23.26 19.10
C ILE A 118 19.28 -23.80 19.01
N LEU A 119 20.28 -22.90 19.05
CA LEU A 119 21.70 -23.25 18.94
C LEU A 119 22.22 -23.99 20.18
N MET A 120 21.62 -23.74 21.36
CA MET A 120 22.06 -24.35 22.63
C MET A 120 21.17 -25.50 23.07
N LYS A 121 20.01 -25.70 22.39
CA LYS A 121 19.00 -26.75 22.65
C LYS A 121 18.50 -26.73 24.13
N MET A 122 18.55 -25.54 24.77
CA MET A 122 18.16 -25.31 26.19
C MET A 122 17.96 -23.81 26.49
N TRP A 123 17.38 -23.50 27.67
CA TRP A 123 17.17 -22.13 28.14
C TRP A 123 18.21 -21.78 29.26
N THR A 124 19.01 -20.73 29.01
CA THR A 124 20.11 -20.31 29.90
C THR A 124 19.89 -18.93 30.54
N PHE A 125 18.62 -18.43 30.57
CA PHE A 125 18.28 -17.07 31.06
C PHE A 125 17.33 -17.05 32.28
N GLY A 126 17.03 -18.23 32.84
CA GLY A 126 16.17 -18.34 34.01
C GLY A 126 14.69 -18.27 33.72
N ASN A 127 13.88 -18.68 34.70
CA ASN A 127 12.43 -18.78 34.59
C ASN A 127 11.74 -17.42 34.52
N PHE A 128 12.35 -16.35 35.06
CA PHE A 128 11.78 -15.01 35.03
C PHE A 128 11.82 -14.42 33.61
N TRP A 129 13.02 -14.37 32.97
CA TRP A 129 13.18 -13.83 31.63
C TRP A 129 12.39 -14.66 30.61
N CYS A 130 12.23 -15.98 30.86
CA CYS A 130 11.45 -16.87 30.00
C CYS A 130 10.02 -16.37 29.85
N GLU A 131 9.33 -16.06 30.99
CA GLU A 131 7.93 -15.56 30.99
C GLU A 131 7.85 -14.13 30.46
N PHE A 132 8.86 -13.30 30.72
CA PHE A 132 8.92 -11.91 30.26
C PHE A 132 9.13 -11.84 28.73
N TRP A 133 10.02 -12.69 28.20
CA TRP A 133 10.37 -12.84 26.80
C TRP A 133 9.15 -13.27 25.95
N THR A 134 8.34 -14.24 26.45
CA THR A 134 7.15 -14.76 25.78
C THR A 134 6.07 -13.66 25.70
N SER A 135 5.95 -12.85 26.77
CA SER A 135 5.01 -11.74 26.90
C SER A 135 5.29 -10.62 25.88
N ILE A 136 6.58 -10.25 25.68
CA ILE A 136 7.02 -9.22 24.72
C ILE A 136 6.73 -9.70 23.28
N ASP A 137 7.01 -10.96 22.98
CA ASP A 137 6.76 -11.64 21.70
C ASP A 137 5.25 -11.52 21.31
N VAL A 138 4.36 -12.00 22.21
CA VAL A 138 2.91 -11.99 22.06
C VAL A 138 2.44 -10.54 21.83
N LEU A 139 2.92 -9.57 22.66
CA LEU A 139 2.60 -8.12 22.61
C LEU A 139 3.00 -7.49 21.28
N CYS A 140 4.16 -7.90 20.71
CA CYS A 140 4.66 -7.37 19.45
C CYS A 140 3.79 -7.83 18.28
N VAL A 141 3.33 -9.10 18.28
CA VAL A 141 2.47 -9.65 17.23
C VAL A 141 1.05 -9.06 17.35
N THR A 142 0.54 -8.93 18.59
CA THR A 142 -0.79 -8.38 18.85
C THR A 142 -0.87 -6.91 18.41
N ALA A 143 0.09 -6.04 18.83
CA ALA A 143 0.09 -4.61 18.45
C ALA A 143 0.30 -4.40 16.94
N SER A 144 1.03 -5.32 16.26
CA SER A 144 1.31 -5.26 14.81
C SER A 144 0.05 -5.45 13.94
N ILE A 145 -0.76 -6.49 14.17
CA ILE A 145 -1.97 -6.76 13.37
C ILE A 145 -3.09 -5.78 13.75
N TRP A 146 -3.12 -5.30 15.01
CA TRP A 146 -4.15 -4.36 15.42
C TRP A 146 -3.89 -2.98 14.78
N THR A 147 -2.61 -2.58 14.59
CA THR A 147 -2.24 -1.31 13.92
C THR A 147 -2.51 -1.41 12.41
N LEU A 148 -2.37 -2.62 11.82
CA LEU A 148 -2.67 -2.84 10.41
C LEU A 148 -4.17 -2.73 10.18
N CYS A 149 -4.95 -3.14 11.19
CA CYS A 149 -6.42 -3.05 11.21
C CYS A 149 -6.86 -1.57 11.26
N VAL A 150 -6.20 -0.75 12.09
CA VAL A 150 -6.45 0.68 12.27
C VAL A 150 -6.17 1.43 10.95
N ILE A 151 -5.09 1.05 10.22
CA ILE A 151 -4.72 1.63 8.91
C ILE A 151 -5.84 1.34 7.88
N ALA A 152 -6.45 0.13 7.90
CA ALA A 152 -7.52 -0.25 6.96
C ALA A 152 -8.80 0.57 7.18
N VAL A 153 -9.20 0.75 8.44
CA VAL A 153 -10.39 1.50 8.87
C VAL A 153 -10.18 3.00 8.57
N ASP A 154 -8.96 3.54 8.84
CA ASP A 154 -8.58 4.94 8.58
C ASP A 154 -8.60 5.30 7.07
N ARG A 155 -8.06 4.41 6.21
CA ARG A 155 -8.06 4.56 4.76
C ARG A 155 -9.47 4.44 4.20
N TYR A 156 -10.35 3.64 4.85
CA TYR A 156 -11.75 3.49 4.43
C TYR A 156 -12.51 4.79 4.63
N PHE A 157 -12.35 5.42 5.80
CA PHE A 157 -13.02 6.67 6.12
C PHE A 157 -12.53 7.83 5.25
N ALA A 158 -11.26 7.78 4.81
CA ALA A 158 -10.64 8.77 3.95
C ALA A 158 -11.22 8.67 2.52
N ILE A 159 -11.26 7.44 1.94
CA ILE A 159 -11.73 7.13 0.58
C ILE A 159 -13.24 7.33 0.43
N THR A 160 -14.00 7.35 1.54
CA THR A 160 -15.46 7.53 1.44
C THR A 160 -15.86 8.93 1.95
N SER A 161 -14.89 9.87 1.97
CA SER A 161 -15.11 11.26 2.37
C SER A 161 -14.80 12.19 1.16
N PRO A 162 -15.27 13.47 1.20
CA PRO A 162 -14.97 14.39 0.09
C PRO A 162 -13.48 14.74 -0.03
N PHE A 163 -12.67 14.42 1.00
CA PHE A 163 -11.23 14.72 1.04
C PHE A 163 -10.40 13.63 0.28
N LYS A 164 -11.03 12.46 0.05
CA LYS A 164 -10.60 11.27 -0.69
C LYS A 164 -9.31 10.60 -0.13
N TYR A 165 -8.17 11.33 -0.02
CA TYR A 165 -6.91 10.70 0.41
C TYR A 165 -6.33 11.30 1.70
N GLN A 166 -7.15 12.04 2.43
CA GLN A 166 -6.72 12.62 3.70
C GLN A 166 -7.49 12.00 4.84
N SER A 167 -6.76 11.62 5.91
CA SER A 167 -7.34 11.04 7.12
C SER A 167 -8.26 12.06 7.77
N LEU A 168 -9.31 11.58 8.43
CA LEU A 168 -10.25 12.47 9.12
C LEU A 168 -9.78 12.71 10.56
N LEU A 169 -8.65 12.06 10.94
CA LEU A 169 -8.01 12.19 12.25
C LEU A 169 -6.94 13.24 12.25
N THR A 170 -6.78 13.91 13.39
CA THR A 170 -5.72 14.86 13.62
C THR A 170 -4.49 14.07 14.09
N LYS A 171 -3.27 14.65 13.95
CA LYS A 171 -2.02 13.98 14.35
C LYS A 171 -1.98 13.70 15.87
N ASN A 172 -2.84 14.41 16.66
CA ASN A 172 -3.01 14.28 18.11
C ASN A 172 -3.94 13.10 18.46
N LYS A 173 -4.96 12.83 17.62
CA LYS A 173 -5.89 11.73 17.84
C LYS A 173 -5.23 10.41 17.43
N ALA A 174 -4.39 10.45 16.37
CA ALA A 174 -3.63 9.30 15.86
C ALA A 174 -2.67 8.76 16.92
N ARG A 175 -2.01 9.67 17.68
CA ARG A 175 -1.09 9.34 18.78
C ARG A 175 -1.85 8.66 19.92
N VAL A 176 -3.08 9.11 20.21
CA VAL A 176 -3.95 8.53 21.24
C VAL A 176 -4.35 7.10 20.84
N ILE A 177 -4.75 6.88 19.56
CA ILE A 177 -5.12 5.55 19.02
C ILE A 177 -3.93 4.57 19.19
N ILE A 178 -2.68 4.99 18.81
CA ILE A 178 -1.45 4.19 18.88
C ILE A 178 -1.16 3.81 20.34
N LEU A 179 -1.25 4.76 21.29
CA LEU A 179 -1.01 4.47 22.71
C LEU A 179 -2.10 3.54 23.27
N MET A 180 -3.36 3.71 22.78
N MET A 180 -3.36 3.70 22.79
CA MET A 180 -4.55 2.92 23.13
CA MET A 180 -4.49 2.87 23.22
C MET A 180 -4.39 1.47 22.64
C MET A 180 -4.36 1.44 22.66
N VAL A 181 -3.84 1.27 21.42
CA VAL A 181 -3.62 -0.08 20.86
C VAL A 181 -2.45 -0.73 21.63
N TRP A 182 -1.42 0.05 22.02
CA TRP A 182 -0.26 -0.46 22.75
C TRP A 182 -0.56 -0.78 24.23
N ILE A 183 -1.43 0.00 24.89
CA ILE A 183 -1.82 -0.24 26.29
C ILE A 183 -2.76 -1.45 26.39
N VAL A 184 -3.78 -1.57 25.50
CA VAL A 184 -4.73 -2.68 25.54
C VAL A 184 -4.00 -4.00 25.20
N SER A 185 -3.15 -4.01 24.12
CA SER A 185 -2.39 -5.20 23.73
CA SER A 185 -2.37 -5.19 23.73
C SER A 185 -1.42 -5.61 24.85
N GLY A 186 -1.04 -4.66 25.72
CA GLY A 186 -0.16 -4.90 26.87
C GLY A 186 -0.87 -5.68 27.95
N LEU A 187 -2.16 -5.33 28.19
CA LEU A 187 -3.01 -5.97 29.18
CA LEU A 187 -3.03 -5.98 29.18
C LEU A 187 -3.33 -7.42 28.77
N THR A 188 -3.82 -7.62 27.53
CA THR A 188 -4.17 -8.95 27.00
C THR A 188 -2.94 -9.88 26.83
N SER A 189 -1.70 -9.32 26.79
CA SER A 189 -0.47 -10.09 26.59
C SER A 189 0.29 -10.41 27.88
N PHE A 190 0.63 -9.38 28.69
CA PHE A 190 1.41 -9.57 29.93
C PHE A 190 0.61 -10.19 31.06
N LEU A 191 -0.66 -9.78 31.23
CA LEU A 191 -1.52 -10.21 32.33
C LEU A 191 -1.82 -11.75 32.31
N PRO A 192 -2.39 -12.42 31.26
CA PRO A 192 -2.61 -13.89 31.37
C PRO A 192 -1.34 -14.71 31.61
N ILE A 193 -0.17 -14.25 31.10
CA ILE A 193 1.11 -14.94 31.22
C ILE A 193 1.67 -14.81 32.66
N GLN A 194 1.81 -13.57 33.17
CA GLN A 194 2.35 -13.31 34.51
C GLN A 194 1.41 -13.83 35.64
N MET A 195 0.09 -13.97 35.34
CA MET A 195 -0.92 -14.50 36.26
C MET A 195 -1.05 -16.03 36.11
N HIS A 196 -0.27 -16.61 35.17
CA HIS A 196 -0.16 -18.05 34.85
C HIS A 196 -1.49 -18.70 34.40
N TRP A 197 -2.40 -17.89 33.82
CA TRP A 197 -3.69 -18.33 33.29
C TRP A 197 -3.52 -19.21 32.04
N TYR A 198 -2.41 -19.02 31.34
CA TYR A 198 -2.05 -19.74 30.11
C TYR A 198 -1.64 -21.20 30.36
N ARG A 199 -1.11 -21.51 31.56
CA ARG A 199 -0.48 -22.75 31.98
C ARG A 199 -1.33 -24.07 31.85
N ALA A 200 -0.69 -25.10 31.24
CA ALA A 200 -1.18 -26.47 31.02
C ALA A 200 -0.96 -27.29 32.28
N THR A 201 -1.75 -28.34 32.49
CA THR A 201 -1.65 -29.11 33.72
C THR A 201 -1.00 -30.51 33.55
N HIS A 202 -0.67 -30.95 32.31
CA HIS A 202 0.00 -32.25 32.11
C HIS A 202 1.46 -32.21 32.59
N GLN A 203 1.98 -33.35 33.02
CA GLN A 203 3.30 -33.54 33.64
C GLN A 203 4.48 -32.99 32.79
N GLU A 204 4.46 -33.12 31.44
CA GLU A 204 5.54 -32.60 30.58
C GLU A 204 5.59 -31.06 30.63
N ALA A 205 4.41 -30.39 30.68
CA ALA A 205 4.29 -28.94 30.83
C ALA A 205 4.77 -28.50 32.24
N ILE A 206 4.22 -29.13 33.30
CA ILE A 206 4.49 -28.89 34.72
C ILE A 206 6.01 -29.00 35.03
N ASN A 207 6.70 -29.99 34.47
CA ASN A 207 8.14 -30.14 34.70
C ASN A 207 8.94 -29.03 34.04
N CYS A 208 8.54 -28.60 32.84
CA CYS A 208 9.19 -27.51 32.09
C CYS A 208 9.12 -26.16 32.83
N TYR A 209 8.00 -25.85 33.49
CA TYR A 209 7.82 -24.62 34.26
C TYR A 209 8.74 -24.57 35.48
N ALA A 210 8.99 -25.74 36.12
CA ALA A 210 9.82 -25.87 37.31
C ALA A 210 11.31 -25.67 37.00
N GLU A 211 11.82 -26.37 35.96
CA GLU A 211 13.22 -26.27 35.57
C GLU A 211 13.49 -25.00 34.79
N GLU A 212 14.51 -24.27 35.28
CA GLU A 212 15.02 -23.01 34.74
C GLU A 212 15.60 -23.17 33.32
N THR A 213 16.07 -24.40 32.98
CA THR A 213 16.66 -24.79 31.70
C THR A 213 15.60 -25.16 30.64
N CYS A 214 14.31 -24.98 30.95
CA CYS A 214 13.21 -25.25 30.02
C CYS A 214 12.37 -24.01 29.81
N CYS A 215 12.10 -23.69 28.53
CA CYS A 215 11.27 -22.57 28.15
C CYS A 215 10.50 -22.91 26.89
N ASP A 216 9.61 -23.91 27.00
CA ASP A 216 8.72 -24.29 25.92
C ASP A 216 7.38 -23.73 26.31
N PHE A 217 6.79 -22.93 25.42
CA PHE A 217 5.53 -22.25 25.70
C PHE A 217 4.35 -23.24 25.58
N PHE A 218 4.10 -23.97 26.69
CA PHE A 218 2.98 -24.88 26.86
C PHE A 218 1.80 -24.04 27.30
N THR A 219 0.63 -24.29 26.69
CA THR A 219 -0.59 -23.55 27.02
C THR A 219 -1.76 -24.53 27.17
N ASN A 220 -2.78 -24.13 27.95
CA ASN A 220 -4.01 -24.92 28.07
C ASN A 220 -4.81 -24.63 26.78
N GLN A 221 -5.66 -25.56 26.37
CA GLN A 221 -6.43 -25.45 25.13
C GLN A 221 -7.36 -24.23 25.10
N ALA A 222 -7.87 -23.79 26.26
CA ALA A 222 -8.76 -22.63 26.32
C ALA A 222 -8.00 -21.31 26.04
N TYR A 223 -6.74 -21.18 26.50
CA TYR A 223 -5.91 -19.98 26.26
C TYR A 223 -5.49 -19.92 24.78
N ALA A 224 -5.00 -21.06 24.25
CA ALA A 224 -4.55 -21.21 22.86
C ALA A 224 -5.64 -20.76 21.88
N ILE A 225 -6.90 -21.21 22.08
CA ILE A 225 -8.04 -20.83 21.24
C ILE A 225 -8.38 -19.35 21.46
N ALA A 226 -8.72 -18.96 22.70
CA ALA A 226 -9.14 -17.59 23.06
C ALA A 226 -8.15 -16.49 22.63
N SER A 227 -6.85 -16.57 22.98
CA SER A 227 -5.88 -15.53 22.60
C SER A 227 -5.57 -15.47 21.07
N SER A 228 -5.66 -16.61 20.34
CA SER A 228 -5.40 -16.66 18.90
C SER A 228 -6.45 -15.86 18.11
N ILE A 229 -7.73 -15.98 18.52
CA ILE A 229 -8.80 -15.27 17.80
CA ILE A 229 -8.88 -15.30 17.89
C ILE A 229 -8.85 -13.79 18.21
N VAL A 230 -8.70 -13.45 19.49
CA VAL A 230 -8.72 -12.04 19.93
C VAL A 230 -7.45 -11.28 19.47
N SER A 231 -6.28 -11.91 19.45
CA SER A 231 -5.01 -11.27 19.07
C SER A 231 -4.77 -11.25 17.58
N PHE A 232 -5.20 -12.28 16.83
CA PHE A 232 -4.90 -12.38 15.42
C PHE A 232 -6.12 -12.48 14.49
N TYR A 233 -6.97 -13.51 14.65
CA TYR A 233 -8.08 -13.78 13.75
C TYR A 233 -9.15 -12.68 13.66
N VAL A 234 -9.49 -12.01 14.78
CA VAL A 234 -10.49 -10.93 14.80
C VAL A 234 -9.98 -9.75 13.96
N PRO A 235 -8.78 -9.12 14.23
CA PRO A 235 -8.35 -7.98 13.39
C PRO A 235 -8.05 -8.33 11.92
N LEU A 236 -7.64 -9.61 11.62
CA LEU A 236 -7.32 -10.11 10.28
CA LEU A 236 -7.32 -10.10 10.27
C LEU A 236 -8.58 -10.15 9.40
N VAL A 237 -9.71 -10.63 9.95
CA VAL A 237 -11.00 -10.72 9.22
C VAL A 237 -11.53 -9.28 8.90
N ILE A 238 -11.47 -8.35 9.87
CA ILE A 238 -11.90 -6.96 9.71
C ILE A 238 -11.04 -6.27 8.62
N MET A 239 -9.70 -6.33 8.74
CA MET A 239 -8.71 -5.76 7.82
C MET A 239 -8.92 -6.24 6.36
N VAL A 240 -9.13 -7.54 6.13
CA VAL A 240 -9.31 -8.09 4.77
C VAL A 240 -10.70 -7.70 4.21
N PHE A 241 -11.72 -7.61 5.07
CA PHE A 241 -13.05 -7.21 4.66
C PHE A 241 -13.09 -5.69 4.32
N VAL A 242 -12.53 -4.84 5.22
CA VAL A 242 -12.52 -3.36 5.11
C VAL A 242 -11.54 -2.87 4.03
N TYR A 243 -10.41 -3.56 3.81
CA TYR A 243 -9.43 -3.11 2.82
C TYR A 243 -9.73 -3.63 1.40
N SER A 244 -10.56 -4.65 1.27
CA SER A 244 -11.00 -5.09 -0.06
C SER A 244 -11.99 -4.02 -0.59
N ARG A 245 -12.69 -3.33 0.35
CA ARG A 245 -13.64 -2.25 0.11
C ARG A 245 -12.95 -0.95 -0.29
N VAL A 246 -11.75 -0.65 0.26
CA VAL A 246 -11.04 0.60 -0.07
C VAL A 246 -10.56 0.55 -1.53
N PHE A 247 -10.14 -0.65 -2.01
CA PHE A 247 -9.67 -0.87 -3.38
C PHE A 247 -10.85 -0.70 -4.36
N GLN A 248 -12.03 -1.26 -3.98
CA GLN A 248 -13.29 -1.16 -4.71
C GLN A 248 -13.68 0.32 -4.89
N GLU A 249 -13.63 1.10 -3.78
CA GLU A 249 -13.93 2.52 -3.75
C GLU A 249 -13.01 3.30 -4.65
N ALA A 250 -11.69 3.07 -4.54
CA ALA A 250 -10.69 3.76 -5.34
C ALA A 250 -10.94 3.62 -6.85
N LYS A 251 -11.21 2.38 -7.34
CA LYS A 251 -11.48 2.07 -8.76
C LYS A 251 -12.81 2.70 -9.27
N ARG A 252 -13.89 2.61 -8.48
CA ARG A 252 -15.22 3.11 -8.86
C ARG A 252 -15.40 4.63 -8.61
N GLN A 253 -14.37 5.32 -8.10
CA GLN A 253 -14.44 6.76 -7.87
C GLN A 253 -13.54 7.52 -8.88
N LEU A 254 -12.95 6.77 -9.84
CA LEU A 254 -12.12 7.33 -10.93
C LEU A 254 -12.99 8.10 -11.90
N ASN A 255 -12.56 9.32 -12.26
CA ASN A 255 -13.27 10.22 -13.18
C ASN A 255 -12.34 10.65 -14.35
N ILE A 256 -12.86 11.48 -15.30
CA ILE A 256 -12.13 12.00 -16.47
C ILE A 256 -10.94 12.88 -16.03
N PHE A 257 -11.09 13.66 -14.94
CA PHE A 257 -10.02 14.51 -14.42
C PHE A 257 -8.83 13.65 -13.95
N GLU A 258 -9.10 12.57 -13.21
CA GLU A 258 -8.06 11.65 -12.72
C GLU A 258 -7.47 10.82 -13.87
N MET A 259 -8.32 10.47 -14.86
CA MET A 259 -7.95 9.70 -16.08
C MET A 259 -6.93 10.47 -16.91
N LEU A 260 -7.20 11.75 -17.20
CA LEU A 260 -6.32 12.61 -17.98
C LEU A 260 -5.05 12.99 -17.21
N ARG A 261 -5.10 13.10 -15.86
CA ARG A 261 -3.89 13.38 -15.06
C ARG A 261 -2.89 12.21 -15.16
N ILE A 262 -3.41 10.97 -15.29
CA ILE A 262 -2.60 9.76 -15.48
C ILE A 262 -1.96 9.83 -16.88
N ASP A 263 -2.76 10.03 -17.93
CA ASP A 263 -2.31 10.05 -19.33
C ASP A 263 -1.42 11.25 -19.71
N GLU A 264 -1.78 12.47 -19.29
CA GLU A 264 -1.04 13.69 -19.63
C GLU A 264 0.11 14.02 -18.66
N GLY A 265 -0.09 13.67 -17.38
CA GLY A 265 0.85 13.98 -16.31
C GLY A 265 0.62 15.39 -15.80
N LEU A 266 1.55 15.90 -14.97
CA LEU A 266 1.47 17.26 -14.43
C LEU A 266 2.86 17.91 -14.30
N ARG A 267 3.11 18.94 -15.11
CA ARG A 267 4.37 19.70 -15.09
C ARG A 267 4.05 21.18 -14.94
N LEU A 268 4.71 21.84 -13.98
CA LEU A 268 4.45 23.25 -13.68
C LEU A 268 5.45 24.19 -14.40
N LYS A 269 6.28 23.61 -15.29
CA LYS A 269 7.25 24.33 -16.11
C LYS A 269 7.10 23.90 -17.57
N ILE A 270 7.15 24.88 -18.50
CA ILE A 270 7.03 24.68 -19.95
C ILE A 270 8.03 23.61 -20.44
N TYR A 271 7.55 22.68 -21.28
CA TYR A 271 8.28 21.53 -21.83
C TYR A 271 7.77 21.18 -23.24
N LYS A 272 8.51 20.32 -23.96
CA LYS A 272 8.14 19.87 -25.31
C LYS A 272 7.62 18.45 -25.23
N ASP A 273 6.49 18.19 -25.92
CA ASP A 273 5.84 16.87 -25.97
C ASP A 273 6.54 15.99 -27.06
N THR A 274 5.82 15.01 -27.64
CA THR A 274 6.35 14.13 -28.68
C THR A 274 6.40 14.90 -30.01
N GLU A 275 5.35 15.72 -30.29
CA GLU A 275 5.22 16.55 -31.48
C GLU A 275 6.19 17.75 -31.45
N GLY A 276 6.97 17.86 -30.38
CA GLY A 276 7.93 18.94 -30.18
C GLY A 276 7.27 20.28 -29.90
N TYR A 277 5.96 20.25 -29.60
CA TYR A 277 5.15 21.43 -29.31
C TYR A 277 5.26 21.78 -27.82
N TYR A 278 5.27 23.10 -27.50
CA TYR A 278 5.37 23.60 -26.13
C TYR A 278 4.06 23.35 -25.38
N THR A 279 4.18 22.71 -24.21
CA THR A 279 3.06 22.33 -23.34
C THR A 279 3.36 22.78 -21.90
N ILE A 280 2.32 22.79 -21.02
CA ILE A 280 2.37 23.10 -19.59
C ILE A 280 1.13 22.49 -18.91
N GLY A 281 1.23 22.19 -17.62
CA GLY A 281 0.16 21.61 -16.82
C GLY A 281 -0.23 20.19 -17.22
N ILE A 282 -1.55 19.94 -17.29
CA ILE A 282 -2.10 18.64 -17.66
C ILE A 282 -2.47 18.73 -19.15
N GLY A 283 -1.44 18.55 -19.99
CA GLY A 283 -1.52 18.54 -21.45
C GLY A 283 -2.12 19.76 -22.11
N HIS A 284 -1.71 20.98 -21.68
CA HIS A 284 -2.20 22.22 -22.28
C HIS A 284 -1.20 22.72 -23.32
N LEU A 285 -1.54 22.54 -24.61
CA LEU A 285 -0.73 22.99 -25.74
C LEU A 285 -0.69 24.52 -25.78
N LEU A 286 0.53 25.08 -25.69
CA LEU A 286 0.73 26.52 -25.71
C LEU A 286 0.87 27.02 -27.15
N THR A 287 1.74 26.37 -27.96
CA THR A 287 1.99 26.72 -29.37
C THR A 287 2.75 25.59 -30.11
N LYS A 288 2.47 25.47 -31.42
CA LYS A 288 3.14 24.55 -32.34
C LYS A 288 4.46 25.20 -32.83
N SER A 289 4.58 26.54 -32.68
CA SER A 289 5.74 27.36 -33.04
C SER A 289 6.98 26.97 -32.24
N PRO A 290 8.17 26.90 -32.89
CA PRO A 290 9.40 26.56 -32.14
C PRO A 290 10.10 27.82 -31.63
N SER A 291 9.49 28.46 -30.62
CA SER A 291 9.99 29.69 -30.02
C SER A 291 9.52 29.77 -28.56
N LEU A 292 10.47 29.76 -27.60
CA LEU A 292 10.18 29.78 -26.16
C LEU A 292 9.56 31.12 -25.71
N ASN A 293 9.99 32.28 -26.27
CA ASN A 293 9.41 33.57 -25.89
C ASN A 293 7.99 33.74 -26.50
N ALA A 294 7.68 32.98 -27.59
CA ALA A 294 6.37 32.92 -28.25
C ALA A 294 5.42 31.99 -27.45
N ALA A 295 6.02 31.02 -26.74
CA ALA A 295 5.35 30.06 -25.86
C ALA A 295 5.09 30.69 -24.49
N LYS A 296 6.03 31.56 -24.04
CA LYS A 296 5.98 32.27 -22.75
C LYS A 296 4.96 33.42 -22.80
N SER A 297 4.65 33.95 -24.00
CA SER A 297 3.68 35.02 -24.15
C SER A 297 2.27 34.46 -24.19
N GLU A 298 2.11 33.21 -24.68
CA GLU A 298 0.84 32.48 -24.73
C GLU A 298 0.37 32.08 -23.32
N LEU A 299 1.31 31.93 -22.37
CA LEU A 299 1.06 31.66 -20.95
C LEU A 299 0.49 32.90 -20.27
N ASP A 300 1.20 34.06 -20.44
CA ASP A 300 0.88 35.37 -19.86
C ASP A 300 -0.51 35.85 -20.26
N LYS A 301 -0.94 35.58 -21.51
CA LYS A 301 -2.27 35.97 -21.97
C LYS A 301 -3.35 35.01 -21.42
N ALA A 302 -3.00 33.73 -21.23
CA ALA A 302 -3.92 32.71 -20.71
C ALA A 302 -4.15 32.86 -19.20
N ILE A 303 -3.11 33.28 -18.44
CA ILE A 303 -3.15 33.43 -16.98
C ILE A 303 -3.47 34.89 -16.57
N GLY A 304 -2.87 35.86 -17.26
CA GLY A 304 -3.04 37.27 -16.95
C GLY A 304 -2.05 37.69 -15.89
N ARG A 305 -0.78 37.28 -16.07
CA ARG A 305 0.36 37.52 -15.18
C ARG A 305 1.66 37.16 -15.92
N ASN A 306 2.78 37.83 -15.57
CA ASN A 306 4.09 37.53 -16.16
C ASN A 306 4.61 36.23 -15.50
N THR A 307 4.16 35.08 -16.03
CA THR A 307 4.43 33.72 -15.54
C THR A 307 5.93 33.38 -15.45
N ASN A 308 6.71 33.76 -16.49
CA ASN A 308 8.15 33.52 -16.65
C ASN A 308 8.43 32.01 -16.84
N GLY A 309 7.48 31.33 -17.49
CA GLY A 309 7.56 29.91 -17.80
C GLY A 309 7.15 28.96 -16.68
N VAL A 310 6.71 29.50 -15.53
CA VAL A 310 6.29 28.70 -14.38
C VAL A 310 4.82 29.01 -13.99
N ILE A 311 4.09 27.97 -13.59
CA ILE A 311 2.68 28.01 -13.20
C ILE A 311 2.51 27.37 -11.81
N THR A 312 1.60 27.90 -10.97
CA THR A 312 1.34 27.29 -9.67
C THR A 312 0.26 26.19 -9.86
N LYS A 313 0.26 25.16 -8.99
CA LYS A 313 -0.68 24.03 -9.06
C LYS A 313 -2.16 24.49 -9.11
N ASP A 314 -2.52 25.58 -8.40
CA ASP A 314 -3.87 26.15 -8.37
C ASP A 314 -4.26 26.76 -9.74
N GLU A 315 -3.27 27.28 -10.50
CA GLU A 315 -3.44 27.89 -11.82
C GLU A 315 -3.58 26.83 -12.93
N ALA A 316 -2.77 25.76 -12.86
CA ALA A 316 -2.76 24.66 -13.82
C ALA A 316 -4.09 23.88 -13.80
N GLU A 317 -4.74 23.74 -12.62
CA GLU A 317 -6.00 23.02 -12.49
C GLU A 317 -7.15 23.85 -13.10
N LYS A 318 -7.07 25.19 -13.07
CA LYS A 318 -8.06 26.09 -13.66
C LYS A 318 -8.04 25.97 -15.21
N LEU A 319 -6.83 25.83 -15.79
CA LEU A 319 -6.58 25.66 -17.23
C LEU A 319 -7.12 24.33 -17.73
N PHE A 320 -6.99 23.28 -16.89
CA PHE A 320 -7.41 21.91 -17.18
C PHE A 320 -8.94 21.80 -17.16
N ASN A 321 -9.62 22.45 -16.19
CA ASN A 321 -11.09 22.45 -16.12
C ASN A 321 -11.68 23.11 -17.38
N GLN A 322 -11.00 24.15 -17.92
CA GLN A 322 -11.39 24.87 -19.13
C GLN A 322 -11.19 24.02 -20.40
N ASP A 323 -10.10 23.23 -20.43
CA ASP A 323 -9.71 22.34 -21.53
C ASP A 323 -10.69 21.16 -21.69
N VAL A 324 -11.10 20.51 -20.55
CA VAL A 324 -12.05 19.40 -20.53
C VAL A 324 -13.47 19.92 -20.93
N ASP A 325 -13.76 21.19 -20.59
CA ASP A 325 -15.01 21.89 -20.88
C ASP A 325 -15.13 22.12 -22.38
N ALA A 326 -14.05 22.59 -23.00
CA ALA A 326 -13.96 22.83 -24.44
C ALA A 326 -14.11 21.50 -25.22
N ALA A 327 -13.57 20.39 -24.64
CA ALA A 327 -13.62 19.05 -25.23
C ALA A 327 -15.05 18.51 -25.29
N VAL A 328 -15.80 18.57 -24.15
CA VAL A 328 -17.17 18.06 -24.06
C VAL A 328 -18.13 18.94 -24.90
N ARG A 329 -17.89 20.27 -24.96
CA ARG A 329 -18.69 21.20 -25.76
C ARG A 329 -18.46 20.99 -27.27
N GLY A 330 -17.23 20.60 -27.63
CA GLY A 330 -16.85 20.31 -29.01
C GLY A 330 -17.52 19.07 -29.55
N ILE A 331 -17.77 18.08 -28.66
CA ILE A 331 -18.42 16.81 -28.97
C ILE A 331 -19.91 17.03 -29.36
N LEU A 332 -20.73 17.62 -28.44
CA LEU A 332 -22.17 17.83 -28.68
C LEU A 332 -22.45 18.90 -29.76
N ARG A 333 -21.42 19.66 -30.16
CA ARG A 333 -21.50 20.67 -31.23
C ARG A 333 -21.18 20.00 -32.61
N ASN A 334 -20.52 18.82 -32.59
CA ASN A 334 -20.17 18.05 -33.79
C ASN A 334 -21.28 17.04 -34.13
N ALA A 335 -21.73 17.05 -35.39
CA ALA A 335 -22.79 16.17 -35.87
C ALA A 335 -22.37 14.67 -35.94
N LYS A 336 -21.07 14.38 -36.07
CA LYS A 336 -20.55 13.02 -36.15
C LYS A 336 -20.24 12.41 -34.76
N LEU A 337 -19.83 13.23 -33.78
CA LEU A 337 -19.46 12.76 -32.43
C LEU A 337 -20.67 12.68 -31.46
N LYS A 338 -21.58 13.69 -31.49
CA LYS A 338 -22.77 13.76 -30.61
C LYS A 338 -23.56 12.44 -30.56
N PRO A 339 -23.96 11.78 -31.71
CA PRO A 339 -24.72 10.52 -31.62
C PRO A 339 -23.93 9.34 -31.06
N VAL A 340 -22.59 9.31 -31.24
CA VAL A 340 -21.77 8.23 -30.70
C VAL A 340 -21.64 8.41 -29.17
N TYR A 341 -21.61 9.69 -28.69
CA TYR A 341 -21.51 10.10 -27.28
C TYR A 341 -22.78 9.70 -26.50
N ASP A 342 -23.97 9.92 -27.13
CA ASP A 342 -25.29 9.61 -26.61
C ASP A 342 -25.53 8.10 -26.43
N SER A 343 -24.88 7.24 -27.24
CA SER A 343 -25.03 5.79 -27.17
C SER A 343 -24.03 5.11 -26.18
N LEU A 344 -23.15 5.90 -25.53
CA LEU A 344 -22.12 5.40 -24.62
C LEU A 344 -22.45 5.66 -23.14
N ASP A 345 -21.97 4.76 -22.27
CA ASP A 345 -22.08 4.81 -20.83
C ASP A 345 -21.03 5.79 -20.28
N ALA A 346 -21.22 6.26 -19.04
CA ALA A 346 -20.40 7.25 -18.33
C ALA A 346 -18.88 7.06 -18.51
N VAL A 347 -18.37 5.81 -18.41
CA VAL A 347 -16.92 5.52 -18.49
C VAL A 347 -16.48 5.51 -19.97
N ARG A 348 -17.28 4.97 -20.90
CA ARG A 348 -16.90 5.00 -22.32
C ARG A 348 -17.00 6.46 -22.87
N ARG A 349 -17.83 7.31 -22.23
CA ARG A 349 -17.96 8.75 -22.55
C ARG A 349 -16.64 9.45 -22.17
N ALA A 350 -16.02 9.03 -21.03
CA ALA A 350 -14.70 9.52 -20.56
C ALA A 350 -13.61 9.19 -21.60
N ALA A 351 -13.60 7.95 -22.14
CA ALA A 351 -12.65 7.46 -23.15
C ALA A 351 -12.72 8.31 -24.45
N LEU A 352 -13.93 8.71 -24.89
CA LEU A 352 -14.14 9.53 -26.07
C LEU A 352 -13.67 11.00 -25.84
N ILE A 353 -13.95 11.59 -24.64
CA ILE A 353 -13.50 12.95 -24.27
C ILE A 353 -11.97 12.94 -24.28
N ASN A 354 -11.36 11.91 -23.66
CA ASN A 354 -9.90 11.70 -23.60
C ASN A 354 -9.24 11.87 -25.00
N MET A 355 -9.88 11.32 -26.06
CA MET A 355 -9.47 11.35 -27.47
C MET A 355 -9.62 12.76 -28.08
N VAL A 356 -10.78 13.42 -27.82
CA VAL A 356 -11.10 14.75 -28.34
C VAL A 356 -10.11 15.77 -27.72
N PHE A 357 -9.79 15.62 -26.42
CA PHE A 357 -8.86 16.45 -25.66
C PHE A 357 -7.43 16.36 -26.23
N GLN A 358 -7.08 15.20 -26.77
CA GLN A 358 -5.74 14.93 -27.29
C GLN A 358 -5.57 15.27 -28.79
N MET A 359 -6.54 14.93 -29.64
CA MET A 359 -6.39 15.11 -31.09
C MET A 359 -7.35 16.14 -31.67
N GLY A 360 -8.24 16.69 -30.84
CA GLY A 360 -9.21 17.65 -31.30
C GLY A 360 -10.48 17.02 -31.82
N GLU A 361 -11.58 17.79 -31.79
CA GLU A 361 -12.90 17.38 -32.22
C GLU A 361 -12.86 16.86 -33.69
N THR A 362 -12.14 17.56 -34.56
CA THR A 362 -12.07 17.25 -35.98
C THR A 362 -11.25 15.96 -36.26
N GLY A 363 -10.17 15.74 -35.49
CA GLY A 363 -9.31 14.56 -35.59
C GLY A 363 -10.01 13.26 -35.25
N VAL A 364 -10.79 13.24 -34.14
CA VAL A 364 -11.58 12.09 -33.67
C VAL A 364 -12.73 11.78 -34.67
N ALA A 365 -13.32 12.85 -35.26
CA ALA A 365 -14.38 12.75 -36.26
C ALA A 365 -13.92 12.05 -37.58
N GLY A 366 -12.60 11.91 -37.77
CA GLY A 366 -12.01 11.23 -38.93
C GLY A 366 -12.02 9.72 -38.81
N PHE A 367 -12.26 9.22 -37.58
CA PHE A 367 -12.31 7.79 -37.26
C PHE A 367 -13.72 7.22 -37.54
N THR A 368 -14.23 7.43 -38.76
CA THR A 368 -15.58 7.06 -39.21
C THR A 368 -15.94 5.58 -38.98
N ASN A 369 -15.07 4.61 -39.35
CA ASN A 369 -15.39 3.18 -39.21
C ASN A 369 -15.38 2.74 -37.75
N SER A 370 -14.46 3.27 -36.93
CA SER A 370 -14.35 2.99 -35.49
C SER A 370 -15.57 3.55 -34.76
N LEU A 371 -15.98 4.79 -35.13
CA LEU A 371 -17.12 5.51 -34.55
C LEU A 371 -18.42 4.79 -34.82
N ARG A 372 -18.58 4.26 -36.05
CA ARG A 372 -19.74 3.48 -36.45
C ARG A 372 -19.88 2.24 -35.57
N MET A 373 -18.75 1.57 -35.27
CA MET A 373 -18.70 0.33 -34.47
C MET A 373 -19.05 0.57 -33.00
N LEU A 374 -18.65 1.72 -32.43
CA LEU A 374 -18.92 2.14 -31.04
C LEU A 374 -20.42 2.43 -30.85
N GLN A 375 -21.05 3.09 -31.85
CA GLN A 375 -22.48 3.41 -31.94
C GLN A 375 -23.33 2.13 -31.87
N GLN A 376 -22.91 1.08 -32.63
CA GLN A 376 -23.54 -0.25 -32.70
C GLN A 376 -23.14 -1.15 -31.51
N LYS A 377 -22.37 -0.58 -30.54
CA LYS A 377 -21.85 -1.21 -29.33
C LYS A 377 -21.03 -2.51 -29.63
N ARG A 378 -20.17 -2.48 -30.65
CA ARG A 378 -19.30 -3.61 -31.05
C ARG A 378 -17.86 -3.28 -30.71
N TRP A 379 -17.55 -3.28 -29.41
CA TRP A 379 -16.29 -2.89 -28.76
C TRP A 379 -15.00 -3.57 -29.30
N ASP A 380 -14.98 -4.91 -29.47
CA ASP A 380 -13.80 -5.62 -30.00
C ASP A 380 -13.48 -5.22 -31.47
N GLU A 381 -14.51 -4.99 -32.31
CA GLU A 381 -14.37 -4.57 -33.70
C GLU A 381 -13.99 -3.08 -33.79
N ALA A 382 -14.45 -2.26 -32.82
CA ALA A 382 -14.05 -0.84 -32.70
C ALA A 382 -12.56 -0.79 -32.38
N ALA A 383 -12.10 -1.71 -31.48
CA ALA A 383 -10.72 -1.87 -30.99
C ALA A 383 -9.70 -2.25 -32.06
N VAL A 384 -10.08 -3.12 -33.03
CA VAL A 384 -9.19 -3.60 -34.11
C VAL A 384 -8.78 -2.41 -34.99
N ASN A 385 -9.78 -1.58 -35.40
CA ASN A 385 -9.64 -0.39 -36.25
C ASN A 385 -8.89 0.74 -35.53
N LEU A 386 -9.17 0.97 -34.21
CA LEU A 386 -8.50 2.00 -33.40
C LEU A 386 -7.01 1.68 -33.25
N ALA A 387 -6.67 0.38 -33.11
CA ALA A 387 -5.29 -0.10 -32.99
C ALA A 387 -4.54 0.00 -34.32
N LYS A 388 -5.27 0.05 -35.45
CA LYS A 388 -4.71 0.16 -36.81
C LYS A 388 -4.71 1.64 -37.28
N SER A 389 -4.23 2.57 -36.41
CA SER A 389 -4.19 4.02 -36.67
C SER A 389 -2.81 4.63 -36.31
N ARG A 390 -2.56 5.90 -36.76
CA ARG A 390 -1.31 6.63 -36.45
C ARG A 390 -1.28 7.02 -34.96
N TRP A 391 -2.48 7.32 -34.36
CA TRP A 391 -2.68 7.64 -32.94
C TRP A 391 -2.05 6.54 -32.07
N TYR A 392 -2.35 5.25 -32.42
CA TYR A 392 -1.83 4.09 -31.73
C TYR A 392 -0.31 3.99 -31.87
N ASN A 393 0.24 4.17 -33.09
CA ASN A 393 1.68 4.08 -33.37
C ASN A 393 2.50 5.19 -32.67
N GLN A 394 1.96 6.44 -32.59
CA GLN A 394 2.62 7.57 -31.96
C GLN A 394 2.64 7.43 -30.43
N THR A 395 1.46 7.28 -29.79
CA THR A 395 1.35 7.10 -28.34
C THR A 395 0.64 5.76 -28.02
N PRO A 396 1.35 4.61 -28.07
CA PRO A 396 0.67 3.31 -27.85
C PRO A 396 0.28 2.96 -26.41
N ASN A 397 1.03 3.40 -25.37
CA ASN A 397 0.74 3.05 -23.98
C ASN A 397 -0.55 3.76 -23.49
N ARG A 398 -0.86 4.94 -24.06
CA ARG A 398 -2.06 5.72 -23.77
C ARG A 398 -3.21 5.23 -24.66
N ALA A 399 -2.92 4.88 -25.93
CA ALA A 399 -3.93 4.38 -26.86
C ALA A 399 -4.49 3.03 -26.42
N LYS A 400 -3.65 2.09 -25.92
N LYS A 400 -3.64 2.11 -25.90
CA LYS A 400 -4.17 0.79 -25.49
CA LYS A 400 -4.08 0.79 -25.44
C LYS A 400 -4.98 0.91 -24.18
C LYS A 400 -4.95 0.92 -24.18
N ARG A 401 -4.71 1.95 -23.35
CA ARG A 401 -5.47 2.21 -22.12
C ARG A 401 -6.88 2.69 -22.44
N VAL A 402 -7.01 3.67 -23.41
CA VAL A 402 -8.28 4.22 -23.91
C VAL A 402 -9.04 3.08 -24.67
N ILE A 403 -8.32 2.28 -25.51
CA ILE A 403 -8.93 1.15 -26.25
C ILE A 403 -9.43 0.06 -25.26
N THR A 404 -8.66 -0.27 -24.17
CA THR A 404 -9.08 -1.26 -23.16
C THR A 404 -10.36 -0.76 -22.45
N THR A 405 -10.45 0.56 -22.16
CA THR A 405 -11.62 1.19 -21.54
C THR A 405 -12.85 1.04 -22.46
N PHE A 406 -12.64 1.05 -23.79
CA PHE A 406 -13.75 0.89 -24.74
C PHE A 406 -14.21 -0.57 -24.79
N ARG A 407 -13.28 -1.51 -24.63
CA ARG A 407 -13.56 -2.94 -24.71
C ARG A 407 -14.31 -3.47 -23.49
N THR A 408 -14.03 -2.92 -22.30
CA THR A 408 -14.58 -3.40 -21.04
C THR A 408 -15.60 -2.47 -20.37
N GLY A 409 -15.48 -1.17 -20.60
CA GLY A 409 -16.36 -0.18 -19.96
C GLY A 409 -16.11 -0.12 -18.47
N THR A 410 -14.84 -0.33 -18.06
CA THR A 410 -14.38 -0.33 -16.66
C THR A 410 -13.16 0.56 -16.53
N TRP A 411 -12.71 0.81 -15.29
CA TRP A 411 -11.52 1.62 -15.02
C TRP A 411 -10.29 0.72 -14.76
N ASP A 412 -10.35 -0.57 -15.18
CA ASP A 412 -9.31 -1.58 -14.98
C ASP A 412 -7.97 -1.23 -15.60
N ALA A 413 -7.93 -0.47 -16.71
CA ALA A 413 -6.66 -0.11 -17.34
C ALA A 413 -5.96 1.03 -16.59
N TYR A 414 -6.74 1.82 -15.80
CA TYR A 414 -6.26 2.99 -15.03
C TYR A 414 -6.02 2.64 -13.54
N LYS A 415 -6.05 1.34 -13.24
CA LYS A 415 -5.83 0.69 -11.96
C LYS A 415 -4.37 0.87 -11.50
N PHE A 416 -4.19 1.44 -10.29
CA PHE A 416 -2.94 1.67 -9.54
C PHE A 416 -1.94 2.50 -10.35
N CYS A 417 -2.47 3.52 -11.05
CA CYS A 417 -1.68 4.45 -11.86
C CYS A 417 -1.45 5.75 -11.12
N LEU A 418 -2.50 6.26 -10.43
CA LEU A 418 -2.44 7.50 -9.65
C LEU A 418 -1.50 7.34 -8.46
N LYS A 419 -0.77 8.40 -8.07
CA LYS A 419 0.20 8.34 -6.97
C LYS A 419 -0.46 7.83 -5.66
N GLU A 420 -1.67 8.32 -5.37
CA GLU A 420 -2.48 7.99 -4.20
C GLU A 420 -2.96 6.54 -4.20
N HIS A 421 -3.12 5.95 -5.40
CA HIS A 421 -3.56 4.56 -5.60
C HIS A 421 -2.38 3.63 -5.45
N LYS A 422 -1.18 4.08 -5.87
CA LYS A 422 0.08 3.33 -5.70
C LYS A 422 0.39 3.18 -4.19
N ALA A 423 0.04 4.24 -3.40
CA ALA A 423 0.18 4.33 -1.95
C ALA A 423 -0.72 3.32 -1.24
N LEU A 424 -1.97 3.13 -1.75
CA LEU A 424 -2.93 2.16 -1.22
C LEU A 424 -2.53 0.72 -1.56
N LYS A 425 -1.75 0.52 -2.64
CA LYS A 425 -1.26 -0.79 -3.04
C LYS A 425 -0.11 -1.20 -2.11
N THR A 426 0.77 -0.25 -1.75
CA THR A 426 1.92 -0.47 -0.85
C THR A 426 1.40 -0.98 0.52
N LEU A 427 0.42 -0.28 1.10
CA LEU A 427 -0.24 -0.60 2.36
C LEU A 427 -0.83 -2.01 2.31
N GLY A 428 -1.44 -2.36 1.16
CA GLY A 428 -2.02 -3.67 0.89
C GLY A 428 -1.00 -4.78 0.87
N ILE A 429 0.23 -4.50 0.35
CA ILE A 429 1.37 -5.42 0.30
C ILE A 429 1.89 -5.67 1.74
N ILE A 430 2.06 -4.61 2.56
CA ILE A 430 2.49 -4.69 3.97
C ILE A 430 1.55 -5.63 4.71
N MET A 431 0.21 -5.41 4.51
CA MET A 431 -0.87 -6.19 5.09
C MET A 431 -0.84 -7.66 4.64
N GLY A 432 -0.68 -7.88 3.33
CA GLY A 432 -0.69 -9.22 2.72
C GLY A 432 0.46 -10.14 3.07
N THR A 433 1.68 -9.58 3.12
CA THR A 433 2.91 -10.33 3.43
C THR A 433 2.92 -10.72 4.91
N PHE A 434 2.42 -9.84 5.79
CA PHE A 434 2.32 -10.16 7.22
C PHE A 434 1.41 -11.40 7.41
N THR A 435 0.25 -11.45 6.71
CA THR A 435 -0.75 -12.53 6.83
C THR A 435 -0.23 -13.83 6.24
N LEU A 436 0.57 -13.77 5.17
CA LEU A 436 1.21 -14.93 4.54
C LEU A 436 2.30 -15.52 5.47
N CYS A 437 3.00 -14.64 6.21
CA CYS A 437 4.07 -15.02 7.11
C CYS A 437 3.53 -15.66 8.40
N TRP A 438 2.47 -15.09 9.00
CA TRP A 438 1.97 -15.54 10.30
C TRP A 438 0.83 -16.58 10.28
N LEU A 439 0.01 -16.66 9.21
CA LEU A 439 -1.12 -17.58 9.11
C LEU A 439 -0.72 -19.05 9.22
N PRO A 440 0.37 -19.60 8.60
CA PRO A 440 0.70 -21.04 8.82
C PRO A 440 0.92 -21.38 10.31
N PHE A 441 1.61 -20.48 11.06
CA PHE A 441 1.87 -20.63 12.48
C PHE A 441 0.55 -20.63 13.28
N PHE A 442 -0.33 -19.64 13.02
CA PHE A 442 -1.60 -19.50 13.72
C PHE A 442 -2.61 -20.60 13.33
N ILE A 443 -2.49 -21.20 12.12
CA ILE A 443 -3.36 -22.32 11.69
C ILE A 443 -2.97 -23.59 12.47
N VAL A 444 -1.65 -23.93 12.51
CA VAL A 444 -1.10 -25.11 13.20
C VAL A 444 -1.27 -24.95 14.75
N ASN A 445 -1.50 -23.72 15.23
CA ASN A 445 -1.69 -23.35 16.63
C ASN A 445 -3.04 -23.87 17.15
N ILE A 446 -4.10 -23.81 16.32
CA ILE A 446 -5.44 -24.27 16.70
C ILE A 446 -5.63 -25.76 16.30
N VAL A 447 -4.85 -26.25 15.30
CA VAL A 447 -4.88 -27.63 14.81
C VAL A 447 -4.26 -28.55 15.89
N HIS A 448 -3.24 -28.02 16.62
CA HIS A 448 -2.56 -28.73 17.71
C HIS A 448 -3.53 -28.89 18.92
N VAL A 449 -4.51 -27.97 19.04
CA VAL A 449 -5.55 -28.02 20.08
C VAL A 449 -6.55 -29.15 19.73
N ILE A 450 -6.83 -29.37 18.43
CA ILE A 450 -7.71 -30.43 17.92
C ILE A 450 -7.03 -31.81 18.14
N GLN A 451 -5.84 -32.02 17.54
CA GLN A 451 -5.04 -33.24 17.64
C GLN A 451 -3.60 -32.87 17.96
N ASP A 452 -3.07 -33.38 19.09
CA ASP A 452 -1.73 -33.07 19.61
C ASP A 452 -0.58 -33.62 18.74
N ASN A 453 -0.67 -34.91 18.33
CA ASN A 453 0.34 -35.66 17.56
C ASN A 453 0.39 -35.33 16.05
N LEU A 454 -0.53 -34.48 15.56
CA LEU A 454 -0.63 -34.09 14.14
C LEU A 454 0.63 -33.37 13.60
N ILE A 455 1.28 -32.52 14.42
CA ILE A 455 2.47 -31.78 13.99
C ILE A 455 3.60 -31.93 15.02
N ARG A 456 4.84 -32.07 14.51
CA ARG A 456 6.05 -32.19 15.34
C ARG A 456 6.55 -30.80 15.80
N LYS A 457 7.28 -30.73 16.92
CA LYS A 457 7.83 -29.48 17.49
C LYS A 457 8.71 -28.71 16.49
N GLU A 458 9.42 -29.44 15.60
CA GLU A 458 10.32 -28.89 14.59
C GLU A 458 9.58 -28.02 13.57
N VAL A 459 8.39 -28.46 13.11
CA VAL A 459 7.63 -27.66 12.13
C VAL A 459 7.03 -26.42 12.81
N TYR A 460 6.64 -26.56 14.09
CA TYR A 460 6.04 -25.49 14.89
C TYR A 460 7.03 -24.31 15.06
N ILE A 461 8.31 -24.60 15.34
CA ILE A 461 9.36 -23.60 15.52
C ILE A 461 9.76 -22.97 14.16
N LEU A 462 9.83 -23.79 13.07
CA LEU A 462 10.18 -23.31 11.73
C LEU A 462 9.11 -22.31 11.21
N LEU A 463 7.81 -22.64 11.41
CA LEU A 463 6.67 -21.80 11.01
C LEU A 463 6.61 -20.52 11.87
N ASN A 464 7.17 -20.54 13.10
CA ASN A 464 7.25 -19.37 13.97
C ASN A 464 8.34 -18.41 13.44
N TRP A 465 9.46 -18.97 12.95
CA TRP A 465 10.61 -18.24 12.38
C TRP A 465 10.26 -17.55 11.04
N ILE A 466 9.27 -18.09 10.28
CA ILE A 466 8.80 -17.47 9.04
C ILE A 466 8.09 -16.16 9.43
N GLY A 467 7.43 -16.16 10.59
CA GLY A 467 6.78 -15.00 11.15
C GLY A 467 7.81 -13.98 11.60
N TYR A 468 8.90 -14.47 12.23
CA TYR A 468 10.03 -13.67 12.74
C TYR A 468 10.76 -12.93 11.63
N VAL A 469 10.95 -13.56 10.44
CA VAL A 469 11.68 -12.93 9.31
C VAL A 469 10.89 -11.74 8.73
N ASN A 470 9.53 -11.78 8.79
CA ASN A 470 8.61 -10.70 8.32
C ASN A 470 8.97 -9.33 8.93
N SER A 471 9.47 -9.33 10.17
CA SER A 471 9.87 -8.18 10.96
C SER A 471 11.07 -7.39 10.28
N GLY A 472 11.67 -7.99 9.23
CA GLY A 472 12.77 -7.41 8.46
C GLY A 472 12.44 -7.07 7.02
N PHE A 473 11.21 -7.41 6.55
CA PHE A 473 10.74 -7.16 5.18
C PHE A 473 10.10 -5.80 4.96
N ASN A 474 9.34 -5.27 5.96
CA ASN A 474 8.61 -4.00 5.83
C ASN A 474 9.46 -2.80 5.35
N PRO A 475 10.69 -2.52 5.86
CA PRO A 475 11.48 -1.39 5.32
C PRO A 475 11.68 -1.49 3.80
N LEU A 476 11.89 -2.71 3.29
CA LEU A 476 12.09 -3.01 1.87
C LEU A 476 10.84 -2.71 1.03
N ILE A 477 9.62 -2.88 1.61
CA ILE A 477 8.34 -2.58 0.92
C ILE A 477 8.16 -1.04 0.85
N TYR A 478 8.73 -0.27 1.82
CA TYR A 478 8.62 1.19 1.85
C TYR A 478 9.45 1.85 0.74
N CYS A 479 10.33 1.08 0.07
CA CYS A 479 11.15 1.58 -1.02
C CYS A 479 10.31 1.79 -2.28
N ARG A 480 9.04 1.30 -2.29
CA ARG A 480 8.07 1.50 -3.38
C ARG A 480 7.64 2.96 -3.47
N SER A 481 7.68 3.69 -2.35
CA SER A 481 7.33 5.10 -2.27
C SER A 481 8.54 5.98 -2.61
N PRO A 482 8.42 6.96 -3.55
CA PRO A 482 9.57 7.83 -3.85
C PRO A 482 10.00 8.67 -2.64
N ASP A 483 9.04 9.10 -1.79
CA ASP A 483 9.28 9.88 -0.57
C ASP A 483 10.24 9.16 0.39
N PHE A 484 10.05 7.84 0.58
CA PHE A 484 10.92 7.01 1.43
C PHE A 484 12.27 6.78 0.77
N ARG A 485 12.30 6.52 -0.57
CA ARG A 485 13.54 6.31 -1.34
C ARG A 485 14.49 7.49 -1.22
N ILE A 486 13.95 8.73 -1.26
CA ILE A 486 14.68 9.99 -1.17
C ILE A 486 15.28 10.13 0.25
N ALA A 487 14.48 9.83 1.30
CA ALA A 487 14.95 9.91 2.70
C ALA A 487 16.04 8.86 2.97
N PHE A 488 15.88 7.62 2.43
CA PHE A 488 16.82 6.50 2.60
C PHE A 488 18.16 6.78 1.92
N GLN A 489 18.15 7.28 0.66
CA GLN A 489 19.40 7.59 -0.05
C GLN A 489 20.15 8.76 0.62
N GLU A 490 19.42 9.65 1.33
CA GLU A 490 19.96 10.76 2.10
C GLU A 490 20.59 10.23 3.39
N LEU A 491 19.85 9.39 4.15
CA LEU A 491 20.31 8.79 5.41
C LEU A 491 21.46 7.78 5.22
N LEU A 492 21.56 7.17 4.03
CA LEU A 492 22.65 6.24 3.71
C LEU A 492 23.76 6.95 2.92
N CYS A 493 23.64 8.29 2.76
CA CYS A 493 24.60 9.17 2.09
CA CYS A 493 24.59 9.18 2.08
C CYS A 493 25.04 8.58 0.73
N LEU A 494 24.05 8.31 -0.15
CA LEU A 494 24.23 7.74 -1.49
C LEU A 494 24.09 8.82 -2.59
#